data_8UUF
#
_entry.id   8UUF
#
_cell.length_a   114.285
_cell.length_b   114.285
_cell.length_c   219.480
_cell.angle_alpha   90.000
_cell.angle_beta   90.000
_cell.angle_gamma   90.000
#
_symmetry.space_group_name_H-M   'I 41 2 2'
#
loop_
_entity.id
_entity.type
_entity.pdbx_description
1 polymer 'Papain-like protease nsp3'
2 non-polymer N-{(1R)-1-[(3M,5P)-3,5-bis(1-methyl-1H-pyrazol-4-yl)phenyl]ethyl}-5-[2-(dimethylamino)ethoxy]-2-methylbenzamide
3 non-polymer 'ACETATE ION'
4 non-polymer 'ZINC ION'
5 non-polymer 'CHLORIDE ION'
6 water water
#
_entity_poly.entity_id   1
_entity_poly.type   'polypeptide(L)'
_entity_poly.pdbx_seq_one_letter_code
;SNAEVRTIKVFTTVDNINLHTQVVDMSMTYGQQFGPTYLDGADVTKIKPHNSHEGKTFYVLPNDDTLRVEAFEYYHTTDP
SFLGRYMSALNHTKKWKYPQVNGLTSIKWADNNCYLATALLTLQQIELKFNPPALQDAYYRARAGEAANFCALILAYCNK
TVGELGDVRETMSYLFQHANLDSCKRVLNVVCKTCGQQQTTLKGVEAVMYMGTLSYEQFKKGVQIPCTCGKQATKYLVQQ
ESPFVMMSAPPAQYELKHGTFTCASEYTGNYQCGHYKHITSKETLYCIDGALLTKSSEYKGPITDVFYKENSYTTTIK
;
_entity_poly.pdbx_strand_id   A
#
# COMPACT_ATOMS: atom_id res chain seq x y z
N THR A 7 20.49 15.28 35.74
CA THR A 7 20.27 14.32 34.66
C THR A 7 18.91 13.64 34.78
N ILE A 8 18.35 13.26 33.63
CA ILE A 8 17.10 12.51 33.57
C ILE A 8 17.31 11.29 32.69
N LYS A 9 16.55 10.23 32.97
CA LYS A 9 16.62 9.00 32.22
C LYS A 9 15.50 8.94 31.18
N VAL A 10 15.81 8.40 30.01
CA VAL A 10 14.87 8.27 28.91
C VAL A 10 15.04 6.89 28.28
N PHE A 11 14.25 6.63 27.24
CA PHE A 11 14.33 5.40 26.47
C PHE A 11 14.51 5.74 25.00
N THR A 12 15.46 5.09 24.34
CA THR A 12 15.66 5.21 22.91
C THR A 12 15.31 3.88 22.23
N THR A 13 14.84 3.97 21.00
CA THR A 13 14.43 2.78 20.26
C THR A 13 14.36 3.12 18.78
N VAL A 14 14.34 2.07 17.96
CA VAL A 14 14.10 2.18 16.54
C VAL A 14 12.76 1.57 16.15
N ASP A 15 12.40 0.46 16.80
CA ASP A 15 11.19 -0.29 16.48
C ASP A 15 10.11 -0.07 17.52
N ASN A 16 10.49 0.42 18.71
CA ASN A 16 9.65 0.54 19.90
C ASN A 16 9.32 -0.83 20.48
N ILE A 17 9.78 -1.90 19.83
CA ILE A 17 9.61 -3.23 20.39
C ILE A 17 10.71 -3.46 21.41
N ASN A 18 11.95 -3.16 21.03
CA ASN A 18 13.10 -3.24 21.92
C ASN A 18 13.43 -1.85 22.43
N LEU A 19 13.53 -1.71 23.75
CA LEU A 19 13.77 -0.42 24.38
C LEU A 19 15.11 -0.42 25.10
N HIS A 20 15.86 0.67 24.93
CA HIS A 20 17.19 0.82 25.49
C HIS A 20 17.20 2.04 26.40
N THR A 21 17.56 1.83 27.67
CA THR A 21 17.52 2.91 28.64
C THR A 21 18.79 3.75 28.56
N GLN A 22 18.62 5.07 28.69
CA GLN A 22 19.73 6.01 28.60
C GLN A 22 19.52 7.12 29.62
N VAL A 23 20.62 7.67 30.10
CA VAL A 23 20.61 8.87 30.94
C VAL A 23 21.19 10.02 30.15
N VAL A 24 20.55 11.17 30.24
CA VAL A 24 20.94 12.33 29.44
C VAL A 24 21.25 13.49 30.36
N ASP A 25 22.14 14.37 29.90
CA ASP A 25 22.43 15.62 30.59
C ASP A 25 21.49 16.70 30.06
N MET A 26 21.00 17.55 30.96
CA MET A 26 20.04 18.58 30.58
C MET A 26 20.65 19.72 29.77
N SER A 27 21.95 20.00 29.91
CA SER A 27 22.57 21.09 29.16
C SER A 27 22.76 20.73 27.68
N MET A 28 23.20 19.50 27.41
CA MET A 28 23.41 19.07 26.03
C MET A 28 22.08 18.73 25.37
N THR A 29 21.88 19.19 24.14
CA THR A 29 20.65 18.89 23.43
C THR A 29 20.60 17.41 23.06
N TYR A 30 19.38 16.92 22.81
CA TYR A 30 19.20 15.50 22.48
C TYR A 30 19.98 15.10 21.24
N GLY A 31 20.20 16.04 20.32
CA GLY A 31 20.82 15.68 19.05
C GLY A 31 22.28 15.30 19.18
N GLN A 32 23.04 16.03 19.98
CA GLN A 32 24.47 15.75 20.10
C GLN A 32 24.76 14.48 20.90
N GLN A 33 23.86 14.07 21.79
CA GLN A 33 24.08 12.87 22.59
C GLN A 33 23.55 11.60 21.91
N PHE A 34 22.52 11.72 21.07
CA PHE A 34 21.87 10.58 20.47
C PHE A 34 21.89 10.56 18.94
N GLY A 35 22.27 11.66 18.30
CA GLY A 35 22.09 11.80 16.87
C GLY A 35 20.70 12.35 16.59
N PRO A 36 20.23 12.18 15.35
CA PRO A 36 18.85 12.62 15.03
C PRO A 36 17.85 11.89 15.91
N THR A 37 17.07 12.66 16.66
CA THR A 37 16.12 12.12 17.63
C THR A 37 14.75 12.73 17.39
N TYR A 38 13.72 11.89 17.45
CA TYR A 38 12.35 12.30 17.23
C TYR A 38 11.49 11.89 18.43
N LEU A 39 10.45 12.69 18.70
CA LEU A 39 9.51 12.42 19.78
C LEU A 39 8.10 12.66 19.27
N ASP A 40 7.35 11.58 19.06
CA ASP A 40 5.95 11.65 18.62
C ASP A 40 5.80 12.47 17.34
N GLY A 41 6.80 12.40 16.47
CA GLY A 41 6.75 13.12 15.20
C GLY A 41 7.69 14.32 15.16
N ALA A 42 7.86 14.98 16.29
CA ALA A 42 8.63 16.22 16.34
C ALA A 42 10.11 15.93 16.47
N ASP A 43 10.91 16.55 15.58
CA ASP A 43 12.36 16.45 15.67
C ASP A 43 12.84 17.19 16.91
N VAL A 44 13.53 16.47 17.80
CA VAL A 44 14.05 17.06 19.03
C VAL A 44 15.57 17.04 19.00
N THR A 45 16.15 17.10 17.80
CA THR A 45 17.59 17.17 17.67
C THR A 45 18.13 18.48 18.23
N LYS A 46 17.44 19.59 17.96
CA LYS A 46 17.85 20.90 18.44
C LYS A 46 17.32 21.22 19.83
N ILE A 47 16.38 20.44 20.33
CA ILE A 47 15.72 20.73 21.61
C ILE A 47 16.50 20.08 22.74
N LYS A 48 16.71 20.84 23.82
CA LYS A 48 17.38 20.33 25.00
C LYS A 48 16.39 19.54 25.86
N PRO A 49 16.89 18.64 26.71
CA PRO A 49 15.98 17.82 27.53
C PRO A 49 15.19 18.67 28.52
N HIS A 50 13.88 18.48 28.51
CA HIS A 50 12.98 19.13 29.45
C HIS A 50 12.59 18.15 30.55
N ASN A 51 11.97 18.69 31.60
CA ASN A 51 11.58 17.86 32.73
C ASN A 51 10.49 16.87 32.36
N SER A 52 9.60 17.25 31.44
CA SER A 52 8.54 16.35 31.01
C SER A 52 9.08 15.17 30.22
N HIS A 53 10.27 15.29 29.64
CA HIS A 53 10.86 14.20 28.87
C HIS A 53 11.59 13.23 29.79
N GLU A 54 10.94 12.78 30.85
CA GLU A 54 11.49 11.79 31.76
C GLU A 54 10.77 10.47 31.52
N GLY A 55 11.54 9.42 31.24
CA GLY A 55 10.97 8.14 30.88
C GLY A 55 10.32 8.10 29.52
N LYS A 56 10.36 9.19 28.76
CA LYS A 56 9.74 9.23 27.45
C LYS A 56 10.51 8.34 26.46
N THR A 57 9.79 7.83 25.48
CA THR A 57 10.36 6.97 24.45
C THR A 57 10.70 7.80 23.22
N PHE A 58 11.96 7.71 22.78
CA PHE A 58 12.45 8.50 21.66
C PHE A 58 12.89 7.57 20.53
N TYR A 59 12.47 7.90 19.31
CA TYR A 59 13.00 7.24 18.13
C TYR A 59 14.32 7.88 17.73
N VAL A 60 15.32 7.05 17.47
CA VAL A 60 16.66 7.54 17.12
C VAL A 60 17.13 6.83 15.85
N LEU A 61 17.89 7.56 15.04
CA LEU A 61 18.58 6.96 13.91
C LEU A 61 19.63 5.99 14.43
N PRO A 62 19.71 4.77 13.89
CA PRO A 62 20.67 3.79 14.42
C PRO A 62 22.09 4.30 14.35
N ASN A 63 22.80 4.20 15.47
CA ASN A 63 24.19 4.63 15.56
C ASN A 63 25.14 3.54 16.05
N ASP A 64 24.62 2.36 16.40
CA ASP A 64 25.46 1.21 16.71
C ASP A 64 24.91 0.00 15.99
N ASP A 65 25.60 -1.14 16.15
CA ASP A 65 25.20 -2.34 15.43
C ASP A 65 23.91 -2.94 15.98
N THR A 66 23.68 -2.79 17.29
CA THR A 66 22.45 -3.32 17.88
C THR A 66 21.23 -2.60 17.31
N LEU A 67 21.30 -1.27 17.22
CA LEU A 67 20.18 -0.51 16.66
C LEU A 67 20.04 -0.73 15.16
N ARG A 68 21.15 -0.94 14.45
CA ARG A 68 21.06 -1.20 13.02
C ARG A 68 20.37 -2.52 12.74
N VAL A 69 20.68 -3.57 13.52
CA VAL A 69 20.07 -4.86 13.31
C VAL A 69 18.59 -4.82 13.67
N GLU A 70 18.27 -4.21 14.81
CA GLU A 70 16.87 -4.10 15.22
C GLU A 70 16.08 -3.28 14.21
N ALA A 71 16.70 -2.26 13.62
CA ALA A 71 16.00 -1.44 12.63
C ALA A 71 15.67 -2.24 11.38
N PHE A 72 16.59 -3.11 10.95
CA PHE A 72 16.29 -3.95 9.78
C PHE A 72 15.25 -5.00 10.11
N GLU A 73 15.34 -5.63 11.28
CA GLU A 73 14.40 -6.68 11.64
C GLU A 73 12.97 -6.17 11.65
N TYR A 74 12.76 -4.88 11.94
CA TYR A 74 11.42 -4.32 11.99
C TYR A 74 10.99 -3.71 10.66
N TYR A 75 11.88 -2.98 9.98
CA TYR A 75 11.51 -2.27 8.78
C TYR A 75 11.97 -2.94 7.49
N HIS A 76 12.92 -3.89 7.58
CA HIS A 76 13.47 -4.58 6.41
C HIS A 76 14.08 -3.60 5.42
N THR A 77 14.83 -2.62 5.93
CA THR A 77 15.56 -1.69 5.09
C THR A 77 16.74 -1.13 5.88
N THR A 78 17.83 -0.84 5.17
CA THR A 78 19.01 -0.21 5.75
C THR A 78 19.15 1.24 5.33
N ASP A 79 18.16 1.79 4.62
CA ASP A 79 18.19 3.17 4.16
C ASP A 79 18.25 4.12 5.35
N PRO A 80 19.31 4.92 5.50
CA PRO A 80 19.38 5.85 6.63
C PRO A 80 18.35 6.96 6.56
N SER A 81 17.84 7.29 5.37
CA SER A 81 16.83 8.32 5.24
C SER A 81 15.42 7.83 5.57
N PHE A 82 15.23 6.53 5.73
CA PHE A 82 13.88 6.00 5.95
C PHE A 82 13.25 6.57 7.20
N LEU A 83 14.00 6.60 8.30
CA LEU A 83 13.46 7.09 9.57
C LEU A 83 12.98 8.52 9.44
N GLY A 84 13.78 9.39 8.83
CA GLY A 84 13.40 10.78 8.71
C GLY A 84 12.15 10.97 7.86
N ARG A 85 12.11 10.30 6.71
CA ARG A 85 10.94 10.41 5.85
C ARG A 85 9.69 9.85 6.54
N TYR A 86 9.86 8.75 7.28
CA TYR A 86 8.73 8.17 8.00
C TYR A 86 8.21 9.11 9.07
N MET A 87 9.12 9.68 9.87
CA MET A 87 8.70 10.59 10.93
C MET A 87 8.11 11.88 10.37
N SER A 88 8.56 12.31 9.19
CA SER A 88 8.00 13.52 8.59
C SER A 88 6.57 13.29 8.11
N ALA A 89 6.31 12.13 7.51
CA ALA A 89 4.95 11.81 7.09
C ALA A 89 4.03 11.63 8.30
N LEU A 90 4.56 11.03 9.38
CA LEU A 90 3.74 10.78 10.56
C LEU A 90 3.21 12.08 11.17
N ASN A 91 3.99 13.17 11.07
CA ASN A 91 3.55 14.43 11.65
C ASN A 91 2.30 14.96 10.94
N HIS A 92 2.11 14.59 9.68
CA HIS A 92 0.89 14.96 8.95
C HIS A 92 -0.22 13.92 9.16
N THR A 93 0.12 12.63 9.04
CA THR A 93 -0.90 11.60 9.14
C THR A 93 -1.55 11.56 10.51
N LYS A 94 -0.84 11.98 11.56
CA LYS A 94 -1.45 12.06 12.88
C LYS A 94 -2.54 13.12 12.92
N LYS A 95 -2.45 14.14 12.07
CA LYS A 95 -3.50 15.16 12.01
C LYS A 95 -4.72 14.69 11.23
N TRP A 96 -4.54 13.76 10.29
CA TRP A 96 -5.62 13.33 9.43
C TRP A 96 -6.72 12.64 10.25
N LYS A 97 -7.93 12.64 9.71
CA LYS A 97 -9.07 11.97 10.31
C LYS A 97 -9.33 10.65 9.60
N TYR A 98 -9.58 9.61 10.38
CA TYR A 98 -9.78 8.24 9.85
C TYR A 98 -11.16 7.76 10.27
N PRO A 99 -12.20 8.20 9.58
CA PRO A 99 -13.56 7.77 9.93
C PRO A 99 -13.86 6.36 9.46
N GLN A 100 -14.78 5.72 10.16
CA GLN A 100 -15.26 4.39 9.78
C GLN A 100 -16.46 4.55 8.87
N VAL A 101 -16.35 4.02 7.65
CA VAL A 101 -17.39 4.12 6.63
C VAL A 101 -17.65 2.72 6.09
N ASN A 102 -18.89 2.24 6.23
CA ASN A 102 -19.27 0.89 5.82
C ASN A 102 -18.43 -0.15 6.56
N GLY A 103 -18.11 0.12 7.82
CA GLY A 103 -17.27 -0.76 8.58
C GLY A 103 -15.82 -0.81 8.14
N LEU A 104 -15.42 0.08 7.23
CA LEU A 104 -14.04 0.18 6.76
C LEU A 104 -13.43 1.49 7.23
N THR A 105 -12.13 1.49 7.47
CA THR A 105 -11.41 2.68 7.89
C THR A 105 -10.99 3.46 6.65
N SER A 106 -11.42 4.71 6.56
CA SER A 106 -11.10 5.60 5.46
C SER A 106 -10.23 6.75 5.96
N ILE A 107 -10.04 7.76 5.12
CA ILE A 107 -9.31 8.97 5.50
C ILE A 107 -10.04 10.22 5.03
N LYS A 108 -10.25 11.17 5.95
CA LYS A 108 -10.85 12.46 5.54
C LYS A 108 -9.89 13.08 4.54
N TRP A 109 -10.40 13.66 3.46
CA TRP A 109 -9.42 14.11 2.43
C TRP A 109 -8.53 15.21 3.01
N ALA A 110 -7.22 15.11 2.79
CA ALA A 110 -6.28 16.13 3.29
C ALA A 110 -4.91 15.88 2.65
N ASP A 111 -4.22 16.94 2.23
CA ASP A 111 -2.84 16.76 1.68
C ASP A 111 -2.89 15.80 0.48
N ASN A 112 -3.94 15.88 -0.34
CA ASN A 112 -4.04 15.05 -1.57
C ASN A 112 -3.87 13.58 -1.21
N ASN A 113 -4.58 13.11 -0.18
CA ASN A 113 -4.48 11.71 0.22
C ASN A 113 -5.52 10.82 -0.43
N CYS A 114 -6.22 11.28 -1.47
CA CYS A 114 -7.31 10.47 -2.01
C CYS A 114 -6.80 9.13 -2.55
N TYR A 115 -5.57 9.07 -3.02
CA TYR A 115 -5.03 7.78 -3.45
C TYR A 115 -4.62 6.91 -2.27
N LEU A 116 -4.25 7.52 -1.14
CA LEU A 116 -3.88 6.74 0.03
C LEU A 116 -5.11 6.07 0.66
N ALA A 117 -6.22 6.81 0.76
CA ALA A 117 -7.43 6.23 1.31
C ALA A 117 -7.94 5.10 0.43
N THR A 118 -7.87 5.26 -0.90
CA THR A 118 -8.29 4.21 -1.80
C THR A 118 -7.49 2.92 -1.58
N ALA A 119 -6.17 3.05 -1.42
CA ALA A 119 -5.34 1.88 -1.16
C ALA A 119 -5.63 1.30 0.21
N LEU A 120 -5.82 2.16 1.22
CA LEU A 120 -6.13 1.68 2.57
C LEU A 120 -7.45 0.91 2.59
N LEU A 121 -8.45 1.40 1.86
CA LEU A 121 -9.73 0.70 1.79
C LEU A 121 -9.60 -0.63 1.07
N THR A 122 -8.72 -0.71 0.07
CA THR A 122 -8.56 -1.94 -0.69
C THR A 122 -7.86 -3.01 0.13
N LEU A 123 -6.85 -2.62 0.91
CA LEU A 123 -6.09 -3.60 1.69
C LEU A 123 -6.95 -4.26 2.75
N GLN A 124 -8.01 -3.60 3.22
CA GLN A 124 -8.92 -4.19 4.18
C GLN A 124 -9.84 -5.22 3.55
N GLN A 125 -9.83 -5.37 2.23
CA GLN A 125 -10.74 -6.25 1.54
C GLN A 125 -10.05 -7.38 0.78
N ILE A 126 -8.71 -7.39 0.73
CA ILE A 126 -7.97 -8.46 0.09
C ILE A 126 -7.05 -9.10 1.13
N GLU A 127 -6.71 -10.37 0.89
CA GLU A 127 -5.86 -11.11 1.81
C GLU A 127 -4.39 -10.81 1.52
N LEU A 128 -3.68 -10.33 2.53
CA LEU A 128 -2.29 -9.94 2.35
C LEU A 128 -1.54 -10.05 3.67
N LYS A 129 -0.31 -10.53 3.60
CA LYS A 129 0.59 -10.63 4.76
C LYS A 129 1.87 -9.88 4.43
N PHE A 130 2.17 -8.84 5.21
CA PHE A 130 3.35 -8.04 4.97
C PHE A 130 4.58 -8.69 5.60
N ASN A 131 5.71 -8.59 4.90
CA ASN A 131 6.97 -9.16 5.36
C ASN A 131 7.60 -8.32 6.47
N PRO A 132 7.74 -6.99 6.33
CA PRO A 132 8.30 -6.19 7.41
C PRO A 132 7.36 -6.16 8.61
N PRO A 133 7.84 -6.59 9.79
CA PRO A 133 6.99 -6.51 10.99
C PRO A 133 6.40 -5.14 11.25
N ALA A 134 7.10 -4.07 10.86
CA ALA A 134 6.55 -2.73 11.03
C ALA A 134 5.28 -2.56 10.20
N LEU A 135 5.29 -3.05 8.96
CA LEU A 135 4.11 -2.94 8.10
C LEU A 135 2.97 -3.80 8.62
N GLN A 136 3.27 -5.03 9.04
CA GLN A 136 2.22 -5.93 9.49
C GLN A 136 1.57 -5.45 10.78
N ASP A 137 2.38 -4.93 11.71
CA ASP A 137 1.83 -4.44 12.97
C ASP A 137 0.95 -3.22 12.76
N ALA A 138 1.37 -2.31 11.88
CA ALA A 138 0.54 -1.15 11.57
C ALA A 138 -0.67 -1.54 10.73
N TYR A 139 -0.52 -2.59 9.90
CA TYR A 139 -1.66 -3.11 9.14
C TYR A 139 -2.78 -3.56 10.07
N TYR A 140 -2.42 -4.25 11.17
CA TYR A 140 -3.43 -4.73 12.11
C TYR A 140 -4.13 -3.55 12.80
N ARG A 141 -3.37 -2.57 13.27
CA ARG A 141 -3.97 -1.46 13.98
C ARG A 141 -4.71 -0.52 13.03
N ALA A 142 -4.30 -0.47 11.76
CA ALA A 142 -5.05 0.30 10.78
C ALA A 142 -6.47 -0.23 10.64
N ARG A 143 -6.62 -1.56 10.55
CA ARG A 143 -7.95 -2.16 10.46
C ARG A 143 -8.77 -1.89 11.71
N ALA A 144 -8.12 -1.80 12.87
CA ALA A 144 -8.81 -1.49 14.12
C ALA A 144 -9.26 -0.04 14.19
N GLY A 145 -8.82 0.81 13.26
CA GLY A 145 -9.25 2.19 13.21
C GLY A 145 -8.16 3.23 13.39
N GLU A 146 -6.97 2.84 13.86
CA GLU A 146 -5.86 3.78 14.08
C GLU A 146 -4.82 3.51 12.99
N ALA A 147 -4.92 4.25 11.89
CA ALA A 147 -4.13 4.00 10.70
C ALA A 147 -3.10 5.10 10.42
N ALA A 148 -2.81 5.95 11.41
CA ALA A 148 -1.84 7.02 11.21
C ALA A 148 -0.46 6.45 10.92
N ASN A 149 -0.01 5.50 11.75
CA ASN A 149 1.29 4.88 11.53
C ASN A 149 1.35 4.17 10.19
N PHE A 150 0.27 3.46 9.83
CA PHE A 150 0.28 2.68 8.60
C PHE A 150 0.42 3.59 7.38
N CYS A 151 -0.33 4.70 7.34
CA CYS A 151 -0.26 5.59 6.20
C CYS A 151 1.13 6.23 6.08
N ALA A 152 1.72 6.62 7.22
CA ALA A 152 3.07 7.17 7.19
C ALA A 152 4.08 6.15 6.66
N LEU A 153 3.92 4.88 7.05
CA LEU A 153 4.83 3.85 6.56
C LEU A 153 4.66 3.64 5.06
N ILE A 154 3.41 3.65 4.57
CA ILE A 154 3.18 3.49 3.13
C ILE A 154 3.92 4.58 2.36
N LEU A 155 3.86 5.82 2.84
CA LEU A 155 4.55 6.91 2.17
C LEU A 155 6.07 6.69 2.17
N ALA A 156 6.62 6.30 3.31
CA ALA A 156 8.06 6.07 3.39
C ALA A 156 8.50 4.93 2.47
N TYR A 157 7.77 3.81 2.51
CA TYR A 157 8.15 2.67 1.68
C TYR A 157 7.97 2.96 0.19
N CYS A 158 7.07 3.86 -0.16
CA CYS A 158 6.83 4.24 -1.55
C CYS A 158 7.70 5.40 -2.00
N ASN A 159 8.52 5.96 -1.12
CA ASN A 159 9.33 7.15 -1.41
C ASN A 159 8.48 8.32 -1.89
N LYS A 160 7.24 8.40 -1.40
CA LYS A 160 6.35 9.50 -1.66
C LYS A 160 6.25 10.37 -0.41
N THR A 161 6.10 11.68 -0.61
CA THR A 161 5.96 12.63 0.50
C THR A 161 4.51 13.11 0.59
N VAL A 162 4.20 13.73 1.72
CA VAL A 162 2.86 14.29 1.91
C VAL A 162 2.60 15.34 0.83
N GLY A 163 1.38 15.35 0.29
CA GLY A 163 1.05 16.37 -0.69
C GLY A 163 1.28 15.89 -2.10
N GLU A 164 2.30 15.05 -2.27
CA GLU A 164 2.65 14.55 -3.59
C GLU A 164 1.52 13.70 -4.16
N LEU A 165 1.28 13.85 -5.46
CA LEU A 165 0.22 13.09 -6.12
C LEU A 165 0.64 11.63 -6.27
N GLY A 166 -0.30 10.72 -6.06
CA GLY A 166 0.01 9.31 -6.06
C GLY A 166 -0.93 8.51 -6.93
N ASP A 167 -0.38 7.47 -7.56
CA ASP A 167 -1.13 6.52 -8.36
C ASP A 167 -1.39 5.28 -7.51
N VAL A 168 -2.65 4.84 -7.45
CA VAL A 168 -3.02 3.70 -6.60
C VAL A 168 -2.34 2.43 -7.09
N ARG A 169 -2.32 2.22 -8.41
CA ARG A 169 -1.71 1.00 -8.94
C ARG A 169 -0.22 0.94 -8.61
N GLU A 170 0.47 2.08 -8.63
CA GLU A 170 1.89 2.08 -8.30
C GLU A 170 2.10 1.88 -6.81
N THR A 171 1.21 2.41 -5.98
CA THR A 171 1.31 2.22 -4.55
C THR A 171 1.04 0.77 -4.16
N MET A 172 0.01 0.16 -4.76
CA MET A 172 -0.27 -1.25 -4.47
C MET A 172 0.90 -2.13 -4.90
N SER A 173 1.53 -1.81 -6.04
CA SER A 173 2.67 -2.60 -6.49
C SER A 173 3.80 -2.56 -5.46
N TYR A 174 4.18 -1.35 -5.02
CA TYR A 174 5.20 -1.22 -3.99
C TYR A 174 4.89 -2.08 -2.77
N LEU A 175 3.66 -1.97 -2.26
CA LEU A 175 3.28 -2.74 -1.09
C LEU A 175 3.31 -4.24 -1.35
N PHE A 176 2.91 -4.66 -2.56
CA PHE A 176 2.94 -6.08 -2.90
C PHE A 176 4.36 -6.64 -2.85
N GLN A 177 5.36 -5.84 -3.23
CA GLN A 177 6.74 -6.29 -3.15
C GLN A 177 7.20 -6.47 -1.71
N HIS A 178 6.50 -5.88 -0.74
CA HIS A 178 6.79 -6.06 0.67
C HIS A 178 5.87 -7.07 1.34
N ALA A 179 5.06 -7.79 0.56
CA ALA A 179 4.20 -8.83 1.08
C ALA A 179 4.67 -10.19 0.60
N ASN A 180 4.19 -11.23 1.27
CA ASN A 180 4.55 -12.61 0.91
C ASN A 180 3.57 -13.07 -0.17
N LEU A 181 3.98 -12.88 -1.42
CA LEU A 181 3.24 -13.37 -2.57
C LEU A 181 4.01 -14.50 -3.26
N ASP A 182 4.87 -15.20 -2.52
CA ASP A 182 5.66 -16.27 -3.10
C ASP A 182 4.80 -17.44 -3.57
N SER A 183 3.71 -17.74 -2.85
CA SER A 183 2.82 -18.83 -3.28
C SER A 183 2.01 -18.46 -4.51
N CYS A 184 1.92 -17.18 -4.85
CA CYS A 184 1.09 -16.76 -5.96
C CYS A 184 1.74 -17.13 -7.29
N LYS A 185 0.96 -17.79 -8.16
CA LYS A 185 1.43 -18.26 -9.45
C LYS A 185 0.44 -17.86 -10.53
N ARG A 186 0.96 -17.54 -11.71
CA ARG A 186 0.13 -17.22 -12.87
C ARG A 186 0.78 -17.82 -14.10
N VAL A 187 0.05 -18.68 -14.81
CA VAL A 187 0.52 -19.32 -16.02
C VAL A 187 -0.25 -18.76 -17.20
N LEU A 188 0.47 -18.29 -18.21
CA LEU A 188 -0.11 -17.68 -19.38
C LEU A 188 0.31 -18.43 -20.63
N ASN A 189 -0.47 -18.25 -21.70
CA ASN A 189 -0.16 -18.85 -22.99
C ASN A 189 -0.44 -17.82 -24.07
N VAL A 190 0.55 -17.55 -24.89
CA VAL A 190 0.43 -16.65 -26.04
C VAL A 190 0.48 -17.50 -27.30
N VAL A 191 -0.59 -17.46 -28.07
CA VAL A 191 -0.72 -18.28 -29.29
C VAL A 191 -0.62 -17.35 -30.49
N CYS A 192 0.36 -17.63 -31.36
CA CYS A 192 0.59 -16.86 -32.56
C CYS A 192 0.61 -17.86 -33.71
N LYS A 193 -0.07 -17.52 -34.81
CA LYS A 193 -0.10 -18.41 -35.97
C LYS A 193 1.28 -18.69 -36.56
N THR A 194 2.16 -17.69 -36.49
CA THR A 194 3.50 -17.83 -37.03
C THR A 194 4.34 -18.57 -36.00
N CYS A 195 4.55 -17.96 -34.83
CA CYS A 195 5.50 -18.49 -33.85
C CYS A 195 4.94 -19.70 -33.09
N GLY A 196 3.65 -19.72 -32.79
CA GLY A 196 3.07 -20.86 -32.12
C GLY A 196 2.57 -20.61 -30.71
N GLN A 197 2.67 -21.60 -29.84
CA GLN A 197 2.22 -21.51 -28.45
C GLN A 197 3.42 -21.43 -27.53
N GLN A 198 3.44 -20.42 -26.66
CA GLN A 198 4.50 -20.26 -25.67
C GLN A 198 3.86 -20.08 -24.30
N GLN A 199 4.28 -20.89 -23.35
CA GLN A 199 3.72 -20.88 -22.00
C GLN A 199 4.72 -20.22 -21.06
N THR A 200 4.31 -19.12 -20.42
CA THR A 200 5.13 -18.40 -19.47
C THR A 200 4.49 -18.48 -18.08
N THR A 201 5.34 -18.47 -17.06
CA THR A 201 4.91 -18.59 -15.67
C THR A 201 5.40 -17.37 -14.89
N LEU A 202 4.47 -16.65 -14.26
CA LEU A 202 4.80 -15.51 -13.42
C LEU A 202 4.56 -15.85 -11.96
N LYS A 203 5.30 -15.18 -11.08
CA LYS A 203 5.14 -15.36 -9.64
C LYS A 203 5.25 -14.02 -8.95
N GLY A 204 4.78 -13.98 -7.71
CA GLY A 204 4.92 -12.78 -6.91
C GLY A 204 4.01 -11.66 -7.39
N VAL A 205 4.57 -10.46 -7.51
CA VAL A 205 3.80 -9.28 -7.89
C VAL A 205 3.19 -9.45 -9.28
N GLU A 206 3.96 -10.01 -10.21
CA GLU A 206 3.49 -10.17 -11.58
C GLU A 206 2.37 -11.18 -11.70
N ALA A 207 2.21 -12.06 -10.70
CA ALA A 207 1.16 -13.06 -10.76
C ALA A 207 -0.20 -12.51 -10.35
N VAL A 208 -0.23 -11.37 -9.66
CA VAL A 208 -1.48 -10.80 -9.16
C VAL A 208 -1.84 -9.49 -9.84
N MET A 209 -0.97 -8.94 -10.68
CA MET A 209 -1.22 -7.65 -11.33
C MET A 209 -1.14 -7.81 -12.84
N TYR A 210 -2.05 -7.14 -13.54
CA TYR A 210 -2.01 -7.05 -14.99
C TYR A 210 -2.42 -5.65 -15.41
N MET A 211 -1.71 -5.11 -16.40
CA MET A 211 -2.01 -3.79 -16.96
C MET A 211 -2.48 -3.97 -18.40
N GLY A 212 -3.69 -3.55 -18.69
CA GLY A 212 -4.22 -3.66 -20.03
C GLY A 212 -5.73 -3.73 -20.10
N THR A 213 -6.35 -4.46 -19.18
CA THR A 213 -7.80 -4.62 -19.16
C THR A 213 -8.29 -4.67 -17.73
N LEU A 214 -9.53 -4.21 -17.53
CA LEU A 214 -10.17 -4.26 -16.22
C LEU A 214 -10.96 -5.54 -15.98
N SER A 215 -11.29 -6.27 -17.04
CA SER A 215 -12.16 -7.44 -16.94
C SER A 215 -11.31 -8.68 -16.67
N TYR A 216 -11.50 -9.30 -15.51
CA TYR A 216 -10.85 -10.58 -15.24
C TYR A 216 -11.35 -11.66 -16.18
N GLU A 217 -12.62 -11.59 -16.60
CA GLU A 217 -13.14 -12.55 -17.56
C GLU A 217 -12.44 -12.42 -18.91
N GLN A 218 -12.25 -11.19 -19.38
CA GLN A 218 -11.57 -10.98 -20.66
C GLN A 218 -10.15 -11.53 -20.63
N PHE A 219 -9.47 -11.40 -19.49
CA PHE A 219 -8.14 -11.99 -19.35
C PHE A 219 -8.21 -13.51 -19.44
N LYS A 220 -9.29 -14.11 -18.95
CA LYS A 220 -9.48 -15.55 -19.10
C LYS A 220 -9.79 -15.92 -20.54
N LYS A 221 -10.57 -15.08 -21.22
CA LYS A 221 -10.88 -15.35 -22.63
C LYS A 221 -9.65 -15.14 -23.52
N GLY A 222 -8.91 -14.07 -23.28
CA GLY A 222 -7.75 -13.75 -24.09
C GLY A 222 -7.68 -12.29 -24.49
N VAL A 223 -6.48 -11.73 -24.52
CA VAL A 223 -6.28 -10.33 -24.86
C VAL A 223 -5.27 -10.25 -26.00
N GLN A 224 -5.53 -9.36 -26.96
CA GLN A 224 -4.63 -9.18 -28.09
C GLN A 224 -3.39 -8.41 -27.64
N ILE A 225 -2.22 -9.03 -27.77
CA ILE A 225 -0.95 -8.37 -27.50
C ILE A 225 -0.04 -8.58 -28.70
N PRO A 226 0.87 -7.65 -28.99
CA PRO A 226 1.76 -7.84 -30.16
C PRO A 226 2.78 -8.94 -29.90
N CYS A 227 3.02 -9.73 -30.94
CA CYS A 227 4.03 -10.76 -30.92
C CYS A 227 5.33 -10.24 -31.54
N THR A 228 6.42 -10.97 -31.32
CA THR A 228 7.72 -10.57 -31.85
C THR A 228 7.69 -10.46 -33.36
N CYS A 229 6.94 -11.33 -34.04
CA CYS A 229 6.85 -11.27 -35.49
C CYS A 229 6.06 -10.06 -35.98
N GLY A 230 5.20 -9.49 -35.15
CA GLY A 230 4.36 -8.37 -35.53
C GLY A 230 2.91 -8.72 -35.73
N LYS A 231 2.58 -10.00 -35.92
CA LYS A 231 1.21 -10.44 -36.00
C LYS A 231 0.64 -10.56 -34.59
N GLN A 232 -0.41 -9.79 -34.32
CA GLN A 232 -0.97 -9.73 -32.97
C GLN A 232 -1.45 -11.11 -32.51
N ALA A 233 -1.02 -11.50 -31.32
CA ALA A 233 -1.32 -12.81 -30.77
C ALA A 233 -2.28 -12.69 -29.59
N THR A 234 -2.93 -13.81 -29.27
CA THR A 234 -3.86 -13.88 -28.16
C THR A 234 -3.15 -14.40 -26.91
N LYS A 235 -3.23 -13.64 -25.83
CA LYS A 235 -2.70 -14.04 -24.53
C LYS A 235 -3.87 -14.23 -23.58
N TYR A 236 -3.97 -15.43 -23.01
CA TYR A 236 -5.06 -15.78 -22.12
C TYR A 236 -4.52 -16.42 -20.85
N LEU A 237 -5.35 -16.42 -19.81
CA LEU A 237 -4.96 -16.99 -18.53
C LEU A 237 -5.19 -18.50 -18.54
N VAL A 238 -4.17 -19.25 -18.14
CA VAL A 238 -4.24 -20.71 -18.09
C VAL A 238 -4.50 -21.21 -16.68
N GLN A 239 -3.71 -20.75 -15.71
CA GLN A 239 -3.88 -21.16 -14.33
C GLN A 239 -3.55 -19.98 -13.42
N GLN A 240 -4.25 -19.89 -12.30
CA GLN A 240 -4.06 -18.80 -11.34
C GLN A 240 -4.22 -19.36 -9.93
N GLU A 241 -3.21 -19.16 -9.09
CA GLU A 241 -3.24 -19.58 -7.69
C GLU A 241 -2.86 -18.36 -6.85
N SER A 242 -3.85 -17.61 -6.40
CA SER A 242 -3.61 -16.41 -5.60
C SER A 242 -4.89 -16.05 -4.87
N PRO A 243 -4.79 -15.46 -3.67
CA PRO A 243 -6.00 -15.04 -2.95
C PRO A 243 -6.73 -13.87 -3.59
N PHE A 244 -6.19 -13.26 -4.63
CA PHE A 244 -6.85 -12.16 -5.34
C PHE A 244 -6.09 -11.90 -6.63
N VAL A 245 -6.70 -11.05 -7.48
CA VAL A 245 -6.03 -10.52 -8.66
C VAL A 245 -6.41 -9.05 -8.79
N MET A 246 -5.50 -8.28 -9.37
CA MET A 246 -5.68 -6.84 -9.57
C MET A 246 -5.61 -6.55 -11.07
N MET A 247 -6.74 -6.16 -11.66
CA MET A 247 -6.83 -5.83 -13.07
C MET A 247 -6.81 -4.32 -13.22
N SER A 248 -5.84 -3.81 -13.96
CA SER A 248 -5.67 -2.38 -14.14
C SER A 248 -5.63 -2.03 -15.62
N ALA A 249 -6.12 -0.83 -15.94
CA ALA A 249 -6.13 -0.31 -17.29
C ALA A 249 -6.24 1.21 -17.20
N PRO A 250 -5.80 1.93 -18.23
CA PRO A 250 -5.94 3.39 -18.19
C PRO A 250 -7.39 3.78 -18.00
N PRO A 251 -7.65 4.91 -17.34
CA PRO A 251 -9.02 5.27 -16.97
C PRO A 251 -9.94 5.33 -18.18
N ALA A 252 -11.10 4.69 -18.05
CA ALA A 252 -12.09 4.65 -19.12
C ALA A 252 -13.44 4.35 -18.50
N GLN A 253 -14.50 4.68 -19.23
CA GLN A 253 -15.85 4.41 -18.76
C GLN A 253 -16.07 2.91 -18.66
N TYR A 254 -16.59 2.47 -17.52
CA TYR A 254 -16.74 1.05 -17.22
C TYR A 254 -17.95 0.87 -16.33
N GLU A 255 -18.69 -0.22 -16.56
CA GLU A 255 -19.88 -0.53 -15.79
C GLU A 255 -19.54 -1.61 -14.76
N LEU A 256 -19.67 -1.27 -13.48
CA LEU A 256 -19.44 -2.21 -12.39
C LEU A 256 -20.78 -2.79 -11.94
N LYS A 257 -20.87 -4.11 -11.93
CA LYS A 257 -22.09 -4.82 -11.57
C LYS A 257 -21.94 -5.44 -10.18
N HIS A 258 -23.01 -5.37 -9.40
CA HIS A 258 -22.98 -5.87 -8.02
C HIS A 258 -22.76 -7.38 -7.99
N GLY A 259 -21.77 -7.80 -7.21
CA GLY A 259 -21.48 -9.20 -7.02
C GLY A 259 -20.44 -9.79 -7.93
N THR A 260 -19.98 -9.05 -8.94
CA THR A 260 -19.02 -9.56 -9.91
C THR A 260 -17.59 -9.16 -9.61
N PHE A 261 -17.36 -8.40 -8.54
CA PHE A 261 -16.04 -7.90 -8.21
C PHE A 261 -16.00 -7.60 -6.72
N THR A 262 -14.79 -7.34 -6.21
CA THR A 262 -14.64 -7.01 -4.80
C THR A 262 -14.62 -5.50 -4.58
N CYS A 263 -13.69 -4.80 -5.23
CA CYS A 263 -13.59 -3.36 -5.12
C CYS A 263 -12.84 -2.82 -6.33
N ALA A 264 -12.97 -1.51 -6.54
CA ALA A 264 -12.42 -0.87 -7.73
C ALA A 264 -11.98 0.55 -7.42
N SER A 265 -11.14 1.09 -8.30
CA SER A 265 -10.60 2.45 -8.17
C SER A 265 -11.20 3.33 -9.26
N GLU A 266 -11.84 4.42 -8.86
CA GLU A 266 -12.36 5.41 -9.79
C GLU A 266 -11.42 6.61 -9.83
N TYR A 267 -10.86 6.89 -11.00
CA TYR A 267 -10.00 8.05 -11.20
C TYR A 267 -10.68 9.04 -12.12
N THR A 268 -10.76 10.30 -11.69
CA THR A 268 -11.45 11.34 -12.43
C THR A 268 -10.55 12.57 -12.52
N GLY A 269 -10.42 13.12 -13.72
CA GLY A 269 -9.70 14.36 -13.94
C GLY A 269 -8.50 14.16 -14.84
N ASN A 270 -7.65 15.19 -14.88
CA ASN A 270 -6.47 15.15 -15.71
C ASN A 270 -5.44 14.18 -15.14
N TYR A 271 -4.57 13.70 -16.04
CA TYR A 271 -3.47 12.84 -15.65
C TYR A 271 -2.60 13.53 -14.59
N GLN A 272 -2.23 12.78 -13.57
CA GLN A 272 -1.32 13.17 -12.50
C GLN A 272 -1.86 14.28 -11.61
N CYS A 273 -3.13 14.68 -11.78
CA CYS A 273 -3.71 15.65 -10.85
C CYS A 273 -5.19 15.39 -10.61
N GLY A 274 -5.65 14.16 -10.87
CA GLY A 274 -7.06 13.82 -10.68
C GLY A 274 -7.37 13.43 -9.24
N HIS A 275 -8.63 13.08 -8.95
CA HIS A 275 -9.04 12.72 -7.56
C HIS A 275 -9.59 11.29 -7.57
N TYR A 276 -9.18 10.47 -6.60
CA TYR A 276 -9.59 9.04 -6.59
C TYR A 276 -10.81 8.76 -5.72
N LYS A 277 -11.67 7.84 -6.16
CA LYS A 277 -12.81 7.36 -5.38
C LYS A 277 -12.78 5.84 -5.33
N HIS A 278 -13.38 5.29 -4.29
CA HIS A 278 -13.35 3.85 -4.04
C HIS A 278 -14.74 3.27 -4.15
N ILE A 279 -14.88 2.22 -4.98
CA ILE A 279 -16.14 1.51 -5.17
C ILE A 279 -15.98 0.10 -4.61
N THR A 280 -16.85 -0.28 -3.68
CA THR A 280 -16.80 -1.67 -3.12
C THR A 280 -18.08 -2.41 -3.50
N SER A 281 -18.01 -3.74 -3.58
CA SER A 281 -19.23 -4.54 -3.79
C SER A 281 -19.68 -5.03 -2.42
N LYS A 282 -20.96 -4.89 -2.11
CA LYS A 282 -21.50 -5.17 -0.75
C LYS A 282 -22.95 -5.57 -1.03
N GLU A 283 -23.87 -5.46 -0.07
CA GLU A 283 -25.26 -5.82 -0.44
C GLU A 283 -25.63 -4.89 -1.59
N THR A 284 -25.22 -3.62 -1.55
CA THR A 284 -25.40 -2.72 -2.71
C THR A 284 -24.04 -2.14 -3.07
N LEU A 285 -23.88 -1.57 -4.27
CA LEU A 285 -22.62 -0.90 -4.59
C LEU A 285 -22.47 0.35 -3.75
N TYR A 286 -21.40 0.41 -2.95
CA TYR A 286 -21.09 1.57 -2.12
C TYR A 286 -19.94 2.37 -2.74
N CYS A 287 -20.02 3.69 -2.59
CA CYS A 287 -19.00 4.60 -3.10
C CYS A 287 -18.43 5.39 -1.93
N ILE A 288 -17.12 5.28 -1.71
CA ILE A 288 -16.45 5.95 -0.61
C ILE A 288 -15.49 6.98 -1.20
N ASP A 289 -15.79 8.26 -1.00
CA ASP A 289 -14.92 9.36 -1.39
C ASP A 289 -14.44 10.03 -0.11
N GLY A 290 -13.36 9.48 0.46
CA GLY A 290 -12.82 9.99 1.70
C GLY A 290 -13.74 9.74 2.88
N ALA A 291 -14.34 10.79 3.41
CA ALA A 291 -15.27 10.65 4.52
C ALA A 291 -16.72 10.53 4.07
N LEU A 292 -17.02 10.80 2.81
CA LEU A 292 -18.38 10.78 2.30
C LEU A 292 -18.71 9.40 1.74
N LEU A 293 -19.98 9.01 1.87
CA LEU A 293 -20.45 7.71 1.44
C LEU A 293 -21.75 7.85 0.65
N THR A 294 -21.77 7.27 -0.54
CA THR A 294 -22.99 7.16 -1.34
C THR A 294 -23.12 5.73 -1.83
N LYS A 295 -24.36 5.30 -2.06
CA LYS A 295 -24.63 3.94 -2.51
C LYS A 295 -25.64 3.95 -3.64
N SER A 296 -25.49 2.97 -4.55
CA SER A 296 -26.41 2.79 -5.67
C SER A 296 -26.38 1.33 -6.10
N SER A 297 -27.32 0.98 -6.97
CA SER A 297 -27.45 -0.42 -7.37
C SER A 297 -26.53 -0.75 -8.54
N GLU A 298 -26.33 0.20 -9.44
CA GLU A 298 -25.43 0.04 -10.58
C GLU A 298 -24.38 1.14 -10.55
N TYR A 299 -23.33 0.95 -11.36
CA TYR A 299 -22.27 1.96 -11.43
C TYR A 299 -21.66 1.97 -12.82
N LYS A 300 -21.60 3.15 -13.42
CA LYS A 300 -20.87 3.39 -14.65
C LYS A 300 -20.03 4.65 -14.45
N GLY A 301 -18.71 4.53 -14.66
CA GLY A 301 -17.80 5.62 -14.47
C GLY A 301 -16.38 5.29 -14.88
N PRO A 302 -15.46 6.24 -14.67
CA PRO A 302 -14.06 6.04 -15.06
C PRO A 302 -13.32 5.21 -14.03
N ILE A 303 -13.06 3.96 -14.37
CA ILE A 303 -12.42 3.00 -13.48
C ILE A 303 -11.05 2.65 -14.06
N THR A 304 -10.05 2.53 -13.18
CA THR A 304 -8.69 2.20 -13.59
C THR A 304 -8.14 0.94 -12.93
N ASP A 305 -8.65 0.52 -11.77
CA ASP A 305 -8.26 -0.71 -11.13
C ASP A 305 -9.52 -1.44 -10.67
N VAL A 306 -9.55 -2.77 -10.86
CA VAL A 306 -10.62 -3.60 -10.34
C VAL A 306 -9.98 -4.80 -9.65
N PHE A 307 -10.44 -5.11 -8.44
CA PHE A 307 -9.93 -6.23 -7.66
C PHE A 307 -10.97 -7.35 -7.66
N TYR A 308 -10.49 -8.59 -7.81
CA TYR A 308 -11.35 -9.76 -7.85
C TYR A 308 -10.85 -10.79 -6.85
N LYS A 309 -11.76 -11.63 -6.35
CA LYS A 309 -11.41 -12.72 -5.47
C LYS A 309 -11.00 -13.94 -6.28
N GLU A 310 -10.10 -14.74 -5.70
CA GLU A 310 -9.60 -15.93 -6.36
C GLU A 310 -9.00 -16.85 -5.30
N ASN A 311 -9.00 -18.14 -5.60
CA ASN A 311 -8.28 -19.12 -4.79
C ASN A 311 -7.43 -19.98 -5.72
N SER A 312 -8.10 -20.71 -6.61
CA SER A 312 -7.43 -21.47 -7.65
C SER A 312 -8.29 -21.42 -8.90
N TYR A 313 -7.64 -21.38 -10.05
CA TYR A 313 -8.35 -21.34 -11.33
C TYR A 313 -7.54 -22.10 -12.36
N THR A 314 -8.20 -22.96 -13.12
CA THR A 314 -7.59 -23.69 -14.21
C THR A 314 -8.51 -23.60 -15.42
N THR A 315 -7.96 -23.19 -16.56
CA THR A 315 -8.78 -22.92 -17.73
C THR A 315 -9.26 -24.22 -18.37
N THR A 316 -10.15 -24.07 -19.35
CA THR A 316 -10.68 -25.20 -20.10
C THR A 316 -10.23 -25.20 -21.56
N ILE A 317 -9.46 -24.19 -21.98
CA ILE A 317 -9.02 -24.10 -23.36
C ILE A 317 -7.92 -25.12 -23.62
N LYS A 318 -7.97 -25.79 -24.76
CA LYS A 318 -6.98 -26.80 -25.10
C LYS A 318 -5.82 -26.21 -25.90
#